data_6IJT
#
_entry.id   6IJT
#
_cell.length_a   110.306
_cell.length_b   110.306
_cell.length_c   314.111
_cell.angle_alpha   90.00
_cell.angle_beta   90.00
_cell.angle_gamma   120.00
#
_symmetry.space_group_name_H-M   'H 3 2'
#
loop_
_entity.id
_entity.type
_entity.pdbx_description
1 polymer Hemagglutinin
2 non-polymer 'N-acetyl-alpha-neuraminic acid'
#
_entity_poly.entity_id   1
_entity_poly.type   'polypeptide(L)'
_entity_poly.pdbx_seq_one_letter_code
;MLLVNQSHQGFNKEHTSKMVSAIVLYVLLAAAAHSAFASAGDRICIGYHANNSTTQVDTIMEKNVTVTHAQDILEKEHNG
RLCSLKGVKPLILKNCSVAGWLLGNPMCDEFLNAPEWSYIVEKDRPSNGLCYPGTFNYYEELKHLMSSTNQFEKIQIFPR
SSWSNHDASSGVSSACPYNGRSSFFRNVVWLIKKNNVYRTITRTYNNTNIEDLLIIWGIHHPNNAAEQIKLYQNPSTYVS
VGTSTLNQRSIPEIATRPKVNGLSSRMEFFWTILRPNDSITFESTGNFIAPEYAYKIVKKGDSAIMKSELSYSNCDTKCQ
TPVGAINSSMPFHNVHPFAIGECPKYVKLKKLVLATGLRNIPQRETRGLFGAIAGFIEGGWQGMVDGWYGYHHSNEQGSG
YAADKESTQKAVDGITNKVNSIISKMNSQFEAVGKEFNNLERRIENLNKKMEDGFIDVWTYNAELLVLMENERTLDLHDS
NVKNLYDKVRRQLRDNAKELGNGCFEFYHRCDNKCMESVRNGTYDYPQYSEESRLKREEIDSGLVPRGSPGSGYIPEAPR
DGQAYVRKDGEWVLLSTFLGHHHHHH
;
_entity_poly.pdbx_strand_id   A
#
loop_
_chem_comp.id
_chem_comp.type
_chem_comp.name
_chem_comp.formula
SIA D-saccharide, alpha linking 'N-acetyl-alpha-neuraminic acid' 'C11 H19 N O9'
#
# COMPACT_ATOMS: atom_id res chain seq x y z
N GLY A 41 -56.41 -1.43 -27.91
CA GLY A 41 -56.15 -1.64 -26.50
C GLY A 41 -55.83 -3.08 -26.15
N ASP A 42 -55.67 -3.34 -24.84
CA ASP A 42 -55.38 -4.66 -24.27
C ASP A 42 -53.96 -5.13 -24.59
N ARG A 43 -52.95 -4.54 -23.95
CA ARG A 43 -51.53 -4.76 -24.23
C ARG A 43 -50.78 -5.14 -22.95
N ILE A 44 -49.47 -5.43 -23.11
CA ILE A 44 -48.50 -5.64 -22.03
C ILE A 44 -47.07 -5.61 -22.59
N CYS A 45 -46.15 -4.95 -21.91
CA CYS A 45 -44.79 -4.73 -22.40
C CYS A 45 -43.74 -5.19 -21.39
N ILE A 46 -42.58 -5.60 -21.89
CA ILE A 46 -41.46 -6.04 -21.05
C ILE A 46 -40.30 -5.05 -21.27
N GLY A 47 -39.84 -4.41 -20.19
CA GLY A 47 -38.85 -3.36 -20.34
C GLY A 47 -37.90 -3.28 -19.15
N TYR A 48 -37.00 -2.30 -19.21
CA TYR A 48 -35.92 -2.23 -18.22
C TYR A 48 -35.75 -0.83 -17.66
N HIS A 49 -35.00 -0.78 -16.55
CA HIS A 49 -34.71 0.47 -15.86
C HIS A 49 -33.96 1.45 -16.76
N ALA A 50 -34.14 2.72 -16.46
CA ALA A 50 -33.31 3.79 -17.00
C ALA A 50 -33.43 4.95 -16.02
N ASN A 51 -32.42 5.80 -15.98
CA ASN A 51 -32.47 6.90 -15.03
C ASN A 51 -31.43 7.96 -15.38
N ASN A 52 -31.34 8.96 -14.51
CA ASN A 52 -30.63 10.22 -14.74
C ASN A 52 -29.12 10.05 -14.79
N SER A 53 -28.60 8.84 -14.57
CA SER A 53 -27.18 8.68 -14.34
C SER A 53 -26.39 8.80 -15.64
N THR A 54 -25.17 9.29 -15.49
CA THR A 54 -24.27 9.51 -16.61
C THR A 54 -22.91 8.89 -16.38
N THR A 55 -22.72 8.19 -15.26
CA THR A 55 -21.51 7.41 -15.02
C THR A 55 -21.19 6.50 -16.21
N GLN A 56 -19.91 6.40 -16.54
CA GLN A 56 -19.43 5.73 -17.78
C GLN A 56 -18.46 4.60 -17.47
N VAL A 57 -18.66 3.45 -18.11
CA VAL A 57 -17.79 2.30 -17.95
C VAL A 57 -17.21 1.91 -19.30
N ASP A 58 -16.19 1.04 -19.28
CA ASP A 58 -15.56 0.54 -20.48
C ASP A 58 -15.51 -0.97 -20.44
N THR A 59 -15.38 -1.57 -21.63
CA THR A 59 -15.31 -3.03 -21.79
C THR A 59 -14.19 -3.35 -22.76
N ILE A 60 -14.03 -4.62 -23.15
CA ILE A 60 -13.08 -4.94 -24.21
C ILE A 60 -13.52 -4.28 -25.50
N MET A 61 -14.83 -4.28 -25.75
CA MET A 61 -15.41 -3.92 -27.04
C MET A 61 -15.52 -2.43 -27.25
N GLU A 62 -16.12 -1.72 -26.29
CA GLU A 62 -16.55 -0.35 -26.48
C GLU A 62 -15.95 0.54 -25.40
N LYS A 63 -15.66 1.79 -25.75
CA LYS A 63 -15.30 2.79 -24.75
C LYS A 63 -16.52 3.65 -24.42
N ASN A 64 -16.56 4.14 -23.18
CA ASN A 64 -17.46 5.20 -22.73
C ASN A 64 -18.92 4.82 -23.00
N VAL A 65 -19.43 3.89 -22.21
CA VAL A 65 -20.82 3.44 -22.38
C VAL A 65 -21.60 3.81 -21.13
N THR A 66 -22.63 4.63 -21.30
CA THR A 66 -23.33 5.15 -20.12
C THR A 66 -24.16 4.04 -19.48
N VAL A 67 -24.31 4.11 -18.16
CA VAL A 67 -24.99 3.04 -17.43
C VAL A 67 -25.87 3.64 -16.34
N THR A 68 -26.87 2.86 -15.92
CA THR A 68 -27.71 3.27 -14.81
C THR A 68 -26.89 3.44 -13.54
N HIS A 69 -26.11 2.43 -13.18
CA HIS A 69 -25.47 2.31 -11.89
C HIS A 69 -24.05 1.79 -12.10
N ALA A 70 -23.10 2.37 -11.37
CA ALA A 70 -21.70 2.02 -11.52
C ALA A 70 -20.98 2.39 -10.23
N GLN A 71 -19.88 1.69 -9.95
CA GLN A 71 -19.09 1.97 -8.75
C GLN A 71 -17.61 2.10 -9.10
N ASP A 72 -17.03 3.24 -8.75
CA ASP A 72 -15.60 3.51 -8.90
C ASP A 72 -14.77 2.74 -7.88
N ILE A 73 -13.66 2.17 -8.32
CA ILE A 73 -12.82 1.40 -7.41
C ILE A 73 -11.38 1.88 -7.35
N LEU A 74 -11.10 3.07 -7.90
CA LEU A 74 -9.73 3.59 -7.93
C LEU A 74 -9.60 4.83 -7.06
N GLU A 75 -8.93 4.70 -5.90
CA GLU A 75 -8.56 5.87 -5.11
C GLU A 75 -7.49 6.67 -5.82
N LYS A 76 -7.72 7.97 -5.97
CA LYS A 76 -6.75 8.81 -6.66
C LYS A 76 -6.35 10.05 -5.89
N GLU A 77 -6.84 10.25 -4.64
CA GLU A 77 -6.60 11.46 -3.88
C GLU A 77 -5.73 11.17 -2.65
N HIS A 78 -4.94 12.15 -2.23
CA HIS A 78 -4.29 12.03 -0.94
C HIS A 78 -4.25 13.39 -0.24
N ASN A 79 -3.92 13.37 1.03
CA ASN A 79 -4.03 14.55 1.88
C ASN A 79 -2.73 15.29 2.07
N GLY A 80 -1.66 14.89 1.41
CA GLY A 80 -0.41 15.63 1.51
C GLY A 80 0.19 15.78 2.90
N ARG A 81 -0.40 15.14 3.89
CA ARG A 81 0.19 15.16 5.22
C ARG A 81 0.94 13.87 5.51
N LEU A 82 1.66 13.86 6.62
CA LEU A 82 2.38 12.69 7.09
C LEU A 82 1.84 12.36 8.48
N CYS A 83 1.01 11.31 8.55
CA CYS A 83 0.16 11.02 9.68
C CYS A 83 0.69 9.81 10.44
N SER A 84 0.14 9.61 11.63
CA SER A 84 0.41 8.37 12.34
C SER A 84 -0.36 7.20 11.73
N LEU A 85 0.04 5.98 12.08
CA LEU A 85 -0.52 4.78 11.49
C LEU A 85 -1.39 4.08 12.53
N LYS A 86 -2.68 4.37 12.51
CA LYS A 86 -3.64 3.74 13.41
C LYS A 86 -3.22 3.94 14.87
N GLY A 87 -2.94 5.18 15.21
CA GLY A 87 -2.60 5.58 16.54
C GLY A 87 -1.12 5.65 16.84
N VAL A 88 -0.27 5.03 16.00
CA VAL A 88 1.15 4.84 16.29
C VAL A 88 1.99 5.72 15.38
N LYS A 89 2.73 6.66 15.98
CA LYS A 89 3.38 7.71 15.22
C LYS A 89 4.67 7.25 14.59
N PRO A 90 5.11 7.93 13.54
CA PRO A 90 6.38 7.58 12.92
C PRO A 90 7.50 8.27 13.64
N LEU A 91 8.67 7.62 13.57
CA LEU A 91 9.94 8.19 13.96
C LEU A 91 10.40 9.14 12.85
N ILE A 92 10.34 10.44 13.08
CA ILE A 92 10.71 11.42 12.05
C ILE A 92 12.16 11.85 12.23
N LEU A 93 13.02 11.51 11.29
CA LEU A 93 14.42 11.77 11.48
C LEU A 93 14.82 13.21 11.21
N LYS A 94 13.90 14.04 10.73
CA LYS A 94 14.17 15.45 10.44
C LYS A 94 15.34 15.49 9.45
N ASN A 95 16.31 16.36 9.67
CA ASN A 95 17.37 16.55 8.71
C ASN A 95 18.47 15.51 8.86
N CYS A 96 18.18 14.38 9.51
CA CYS A 96 19.22 13.41 9.86
C CYS A 96 19.03 12.12 9.09
N SER A 97 20.09 11.33 9.11
CA SER A 97 20.13 10.05 8.45
C SER A 97 20.14 8.96 9.50
N VAL A 98 19.74 7.76 9.10
CA VAL A 98 19.75 6.65 10.05
C VAL A 98 21.09 6.58 10.77
N ALA A 99 22.20 6.76 10.04
CA ALA A 99 23.49 6.71 10.72
C ALA A 99 23.64 7.84 11.72
N GLY A 100 23.20 9.06 11.35
CA GLY A 100 23.25 10.17 12.29
C GLY A 100 22.55 9.84 13.59
N TRP A 101 21.27 9.47 13.49
CA TRP A 101 20.50 9.05 14.64
C TRP A 101 21.23 7.97 15.45
N LEU A 102 21.54 6.83 14.84
CA LEU A 102 22.08 5.71 15.62
C LEU A 102 23.36 6.10 16.33
N LEU A 103 24.29 6.67 15.58
CA LEU A 103 25.55 7.08 16.17
C LEU A 103 25.36 8.26 17.10
N GLY A 104 24.26 9.00 16.96
CA GLY A 104 24.04 10.20 17.76
C GLY A 104 24.95 11.34 17.36
N ASN A 105 24.92 11.70 16.07
CA ASN A 105 25.54 12.92 15.59
C ASN A 105 25.03 14.10 16.42
N PRO A 106 25.91 14.90 17.00
CA PRO A 106 25.49 15.97 17.92
C PRO A 106 24.30 16.78 17.42
N MET A 107 24.04 16.77 16.12
CA MET A 107 22.92 17.51 15.56
C MET A 107 21.57 16.78 15.64
N CYS A 108 21.55 15.49 15.96
CA CYS A 108 20.31 14.71 15.91
C CYS A 108 19.81 14.40 17.31
N ASP A 109 18.50 14.55 17.50
CA ASP A 109 17.92 14.34 18.81
C ASP A 109 17.88 12.86 19.14
N GLU A 110 18.47 12.49 20.27
CA GLU A 110 18.20 11.18 20.84
C GLU A 110 16.71 11.07 21.11
N PHE A 111 16.24 9.83 21.21
CA PHE A 111 14.83 9.61 21.52
C PHE A 111 14.79 9.01 22.92
N LEU A 112 14.91 9.89 23.92
CA LEU A 112 15.04 9.46 25.31
C LEU A 112 13.93 8.53 25.74
N ASN A 113 12.70 8.73 25.21
CA ASN A 113 11.54 8.02 25.72
C ASN A 113 11.48 6.55 25.30
N ALA A 114 12.38 6.10 24.44
CA ALA A 114 12.32 4.78 23.85
C ALA A 114 10.97 4.47 23.20
N PRO A 115 10.53 5.30 22.25
CA PRO A 115 9.19 5.12 21.70
C PRO A 115 9.17 3.98 20.71
N GLU A 116 7.99 3.42 20.53
CA GLU A 116 7.77 2.60 19.36
C GLU A 116 7.32 3.48 18.19
N TRP A 117 7.42 2.93 16.99
CA TRP A 117 7.09 3.67 15.78
C TRP A 117 6.44 2.74 14.78
N SER A 118 5.63 3.34 13.92
CA SER A 118 5.01 2.59 12.86
C SER A 118 5.88 2.58 11.59
N TYR A 119 6.54 3.69 11.29
CA TYR A 119 7.50 3.71 10.20
C TYR A 119 8.54 4.80 10.50
N ILE A 120 9.55 4.87 9.64
CA ILE A 120 10.68 5.78 9.81
C ILE A 120 10.69 6.71 8.62
N VAL A 121 10.89 7.99 8.86
CA VAL A 121 10.84 8.97 7.78
C VAL A 121 12.20 9.63 7.71
N GLU A 122 12.86 9.46 6.56
CA GLU A 122 14.19 9.98 6.30
C GLU A 122 14.09 10.93 5.13
N LYS A 123 14.75 12.07 5.20
CA LYS A 123 14.71 12.93 4.03
C LYS A 123 15.49 12.29 2.86
N ASP A 124 15.25 12.80 1.66
CA ASP A 124 15.87 12.16 0.49
C ASP A 124 17.39 12.25 0.54
N ARG A 125 17.92 13.40 0.94
CA ARG A 125 19.35 13.59 1.13
C ARG A 125 19.55 14.33 2.44
N PRO A 126 19.67 13.60 3.54
CA PRO A 126 19.71 14.27 4.85
C PRO A 126 21.00 15.03 4.98
N SER A 127 20.97 16.04 5.83
CA SER A 127 22.15 16.86 6.00
C SER A 127 23.00 16.46 7.19
N ASN A 128 22.48 15.64 8.10
CA ASN A 128 23.22 15.29 9.32
C ASN A 128 23.51 13.79 9.32
N GLY A 129 24.57 13.40 8.64
CA GLY A 129 24.93 12.01 8.61
C GLY A 129 26.19 11.81 9.42
N LEU A 130 27.15 11.12 8.82
CA LEU A 130 28.49 11.09 9.38
C LEU A 130 29.08 12.48 9.29
N CYS A 131 28.92 13.28 10.34
CA CYS A 131 29.50 14.61 10.33
C CYS A 131 31.02 14.52 10.27
N TYR A 132 31.62 13.74 11.16
CA TYR A 132 32.97 13.23 10.89
C TYR A 132 32.90 12.28 9.70
N PRO A 133 33.66 12.53 8.65
CA PRO A 133 33.51 11.75 7.42
C PRO A 133 34.17 10.39 7.49
N GLY A 134 33.53 9.44 6.79
CA GLY A 134 34.09 8.12 6.64
C GLY A 134 33.07 7.25 5.96
N THR A 135 33.10 5.96 6.29
CA THR A 135 32.12 5.00 5.78
C THR A 135 31.52 4.23 6.93
N PHE A 136 30.45 3.50 6.62
CA PHE A 136 29.62 2.76 7.57
C PHE A 136 29.28 1.41 6.96
N ASN A 137 30.13 0.41 7.21
CA ASN A 137 30.00 -0.88 6.53
C ASN A 137 28.60 -1.50 6.68
N TYR A 138 28.18 -2.17 5.61
CA TYR A 138 26.87 -2.82 5.50
C TYR A 138 25.80 -1.90 6.03
N TYR A 139 25.91 -0.63 5.63
CA TYR A 139 24.90 0.36 6.01
C TYR A 139 23.55 -0.03 5.46
N GLU A 140 23.47 -0.32 4.16
CA GLU A 140 22.12 -0.56 3.64
C GLU A 140 21.52 -1.83 4.22
N GLU A 141 22.33 -2.72 4.79
CA GLU A 141 21.72 -3.86 5.47
C GLU A 141 21.10 -3.44 6.79
N LEU A 142 21.83 -2.62 7.55
CA LEU A 142 21.31 -2.08 8.80
C LEU A 142 19.98 -1.37 8.58
N LYS A 143 19.95 -0.43 7.62
CA LYS A 143 18.67 0.17 7.23
C LYS A 143 17.59 -0.87 6.99
N HIS A 144 17.91 -1.97 6.28
CA HIS A 144 16.90 -2.98 6.04
C HIS A 144 16.44 -3.65 7.33
N LEU A 145 17.36 -3.81 8.28
CA LEU A 145 16.97 -4.35 9.58
C LEU A 145 16.02 -3.41 10.29
N MET A 146 16.20 -2.10 10.13
CA MET A 146 15.26 -1.16 10.72
C MET A 146 13.85 -1.41 10.21
N SER A 147 13.71 -1.84 8.96
CA SER A 147 12.38 -1.98 8.39
C SER A 147 11.55 -3.04 9.08
N SER A 148 12.19 -3.97 9.80
CA SER A 148 11.46 -4.98 10.57
C SER A 148 11.53 -4.70 12.06
N THR A 149 11.84 -3.47 12.43
CA THR A 149 12.07 -3.10 13.81
C THR A 149 11.12 -1.98 14.19
N ASN A 150 10.56 -2.07 15.39
CA ASN A 150 9.56 -1.11 15.81
C ASN A 150 9.92 -0.34 17.06
N GLN A 151 10.87 -0.81 17.87
CA GLN A 151 11.24 -0.09 19.08
C GLN A 151 12.65 -0.46 19.53
N PHE A 152 13.42 0.57 19.83
CA PHE A 152 14.74 0.43 20.43
C PHE A 152 14.69 0.90 21.87
N GLU A 153 15.50 0.27 22.71
CA GLU A 153 15.81 0.80 24.03
C GLU A 153 17.33 0.95 24.11
N LYS A 154 17.81 2.20 24.08
CA LYS A 154 19.24 2.47 24.21
C LYS A 154 19.70 2.06 25.61
N ILE A 155 20.85 1.38 25.70
CA ILE A 155 21.40 1.01 27.00
C ILE A 155 22.92 1.18 27.02
N GLN A 156 23.43 1.69 28.13
CA GLN A 156 24.87 1.80 28.33
C GLN A 156 25.47 0.41 28.48
N ILE A 157 26.64 0.20 27.87
CA ILE A 157 27.35 -1.07 28.03
C ILE A 157 28.78 -0.82 28.49
N PHE A 158 29.44 0.20 27.96
CA PHE A 158 30.75 0.63 28.46
C PHE A 158 30.64 2.10 28.80
N PRO A 159 30.45 2.44 30.07
CA PRO A 159 30.25 3.84 30.47
C PRO A 159 31.48 4.67 30.15
N ARG A 160 31.24 5.81 29.50
CA ARG A 160 32.33 6.65 28.99
C ARG A 160 33.42 6.90 30.03
N SER A 161 33.07 6.89 31.31
CA SER A 161 34.00 7.20 32.38
C SER A 161 34.77 5.99 32.91
N SER A 162 34.73 4.87 32.22
CA SER A 162 35.32 3.66 32.73
C SER A 162 36.60 3.30 32.02
N TRP A 163 37.07 4.15 31.11
CA TRP A 163 38.32 3.90 30.40
C TRP A 163 39.46 4.58 31.14
N SER A 164 39.73 4.07 32.34
CA SER A 164 40.74 4.65 33.20
C SER A 164 42.02 4.94 32.42
N ASN A 165 42.50 3.95 31.66
CA ASN A 165 43.81 3.97 31.03
C ASN A 165 43.90 4.83 29.78
N HIS A 166 42.87 5.59 29.42
CA HIS A 166 42.96 6.39 28.21
C HIS A 166 42.20 7.70 28.38
N ASP A 167 42.41 8.61 27.41
CA ASP A 167 41.77 9.92 27.42
C ASP A 167 40.41 9.81 26.74
N ALA A 168 39.33 9.94 27.52
CA ALA A 168 37.99 9.80 26.97
C ALA A 168 37.33 11.14 26.67
N SER A 169 38.07 12.23 26.74
CA SER A 169 37.44 13.52 26.57
C SER A 169 38.04 14.36 25.45
N SER A 170 39.23 14.04 24.96
CA SER A 170 39.77 14.84 23.88
C SER A 170 39.22 14.43 22.52
N GLY A 171 38.68 13.23 22.40
CA GLY A 171 38.06 12.84 21.15
C GLY A 171 36.85 13.66 20.79
N VAL A 172 37.10 14.84 20.20
CA VAL A 172 36.09 15.71 19.63
C VAL A 172 36.71 16.30 18.37
N SER A 173 35.88 16.80 17.47
CA SER A 173 36.47 17.42 16.30
C SER A 173 35.64 18.62 15.85
N SER A 174 36.27 19.47 15.04
CA SER A 174 35.60 20.62 14.44
C SER A 174 34.54 20.22 13.44
N ALA A 175 34.53 18.96 13.03
CA ALA A 175 33.53 18.47 12.08
C ALA A 175 32.20 18.12 12.71
N CYS A 176 32.11 18.15 14.04
CA CYS A 176 30.94 17.69 14.77
C CYS A 176 30.56 18.73 15.82
N PRO A 177 30.09 19.90 15.40
CA PRO A 177 29.74 20.93 16.37
C PRO A 177 28.43 20.62 17.07
N TYR A 178 28.42 20.82 18.39
CA TYR A 178 27.20 20.91 19.16
C TYR A 178 27.22 22.28 19.82
N ASN A 179 26.26 23.12 19.46
CA ASN A 179 26.20 24.48 19.99
C ASN A 179 27.49 25.23 19.66
N GLY A 180 28.08 24.94 18.50
CA GLY A 180 29.23 25.69 18.01
C GLY A 180 30.59 25.26 18.52
N ARG A 181 30.66 24.56 19.66
CA ARG A 181 31.91 23.98 20.14
C ARG A 181 32.24 22.73 19.32
N SER A 182 33.46 22.22 19.49
CA SER A 182 33.78 20.92 18.93
C SER A 182 33.14 19.81 19.75
N SER A 183 32.60 18.82 19.07
CA SER A 183 31.98 17.68 19.74
C SER A 183 32.14 16.45 18.85
N PHE A 184 31.25 15.48 19.03
CA PHE A 184 31.43 14.12 18.55
C PHE A 184 30.15 13.34 18.77
N PHE A 185 30.08 12.17 18.14
CA PHE A 185 28.93 11.29 18.29
C PHE A 185 28.72 11.05 19.78
N ARG A 186 27.48 11.20 20.21
CA ARG A 186 27.15 10.94 21.60
C ARG A 186 27.32 9.46 21.98
N ASN A 187 27.09 8.53 21.05
CA ASN A 187 26.95 7.12 21.41
C ASN A 187 28.21 6.32 21.29
N VAL A 188 29.33 6.94 20.93
CA VAL A 188 30.58 6.24 20.83
C VAL A 188 31.64 7.17 21.39
N VAL A 189 32.76 6.60 21.79
CA VAL A 189 33.84 7.31 22.42
C VAL A 189 35.06 7.25 21.52
N TRP A 190 35.64 8.40 21.24
CA TRP A 190 36.91 8.46 20.54
C TRP A 190 38.01 8.38 21.60
N LEU A 191 38.52 7.17 21.82
CA LEU A 191 39.59 6.94 22.79
C LEU A 191 40.91 7.40 22.25
N ILE A 192 41.66 8.11 23.08
CA ILE A 192 42.92 8.73 22.71
C ILE A 192 43.93 8.54 23.83
N LYS A 193 45.19 8.34 23.47
CA LYS A 193 46.26 8.09 24.44
C LYS A 193 46.19 9.05 25.61
N LYS A 194 46.28 8.50 26.82
CA LYS A 194 46.40 9.31 28.03
C LYS A 194 47.87 9.29 28.41
N ASN A 195 48.50 10.46 28.42
CA ASN A 195 49.85 10.61 28.96
C ASN A 195 50.88 9.97 28.03
N ASN A 196 50.75 10.21 26.73
CA ASN A 196 51.65 9.61 25.75
C ASN A 196 51.72 8.09 25.88
N VAL A 197 50.81 7.47 26.65
CA VAL A 197 50.69 6.01 26.70
C VAL A 197 49.34 5.60 26.11
N TYR A 198 49.29 4.40 25.51
CA TYR A 198 48.02 3.81 25.05
C TYR A 198 48.05 2.33 25.40
N ARG A 199 47.61 2.00 26.61
CA ARG A 199 47.72 0.61 27.02
C ARG A 199 46.72 -0.23 26.26
N THR A 200 47.13 -1.42 25.87
CA THR A 200 46.29 -2.22 25.01
C THR A 200 44.96 -2.48 25.70
N ILE A 201 43.87 -2.20 24.98
CA ILE A 201 42.53 -2.37 25.50
C ILE A 201 42.10 -3.80 25.23
N THR A 202 41.53 -4.45 26.24
CA THR A 202 40.71 -5.64 26.02
C THR A 202 39.50 -5.52 26.93
N ARG A 203 38.31 -5.44 26.32
CA ARG A 203 37.12 -5.24 27.13
C ARG A 203 35.98 -6.08 26.56
N THR A 204 35.11 -6.54 27.44
CA THR A 204 34.10 -7.54 27.09
C THR A 204 32.74 -7.13 27.62
N TYR A 205 31.70 -7.46 26.86
CA TYR A 205 30.34 -7.29 27.34
C TYR A 205 29.58 -8.60 27.12
N ASN A 206 29.06 -9.16 28.21
CA ASN A 206 28.15 -10.31 28.14
C ASN A 206 26.74 -9.75 27.98
N ASN A 207 26.01 -10.20 26.94
CA ASN A 207 24.63 -9.74 26.73
C ASN A 207 23.70 -10.60 27.55
N THR A 208 23.36 -10.10 28.74
CA THR A 208 22.49 -10.82 29.68
C THR A 208 21.03 -10.45 29.53
N ASN A 209 20.59 -10.03 28.34
CA ASN A 209 19.22 -9.61 28.12
C ASN A 209 18.47 -10.67 27.33
N ILE A 210 17.14 -10.60 27.37
CA ILE A 210 16.37 -11.49 26.51
C ILE A 210 16.46 -11.07 25.04
N GLU A 211 16.76 -9.81 24.75
CA GLU A 211 16.61 -9.23 23.41
C GLU A 211 17.92 -9.26 22.62
N ASP A 212 17.80 -9.06 21.31
CA ASP A 212 18.99 -8.84 20.51
C ASP A 212 19.55 -7.44 20.79
N LEU A 213 20.86 -7.36 20.93
CA LEU A 213 21.55 -6.08 21.05
C LEU A 213 22.11 -5.69 19.70
N LEU A 214 21.91 -4.43 19.31
CA LEU A 214 22.55 -3.87 18.14
C LEU A 214 23.70 -2.99 18.61
N ILE A 215 24.91 -3.29 18.14
CA ILE A 215 26.13 -2.68 18.66
C ILE A 215 26.94 -2.13 17.51
N ILE A 216 27.55 -0.97 17.73
CA ILE A 216 28.22 -0.18 16.69
C ILE A 216 29.54 0.31 17.24
N TRP A 217 30.61 0.10 16.49
CA TRP A 217 31.89 0.66 16.87
C TRP A 217 32.57 1.13 15.61
N GLY A 218 33.78 1.68 15.76
CA GLY A 218 34.43 2.25 14.60
C GLY A 218 35.93 2.27 14.80
N ILE A 219 36.61 2.57 13.72
CA ILE A 219 38.05 2.67 13.75
C ILE A 219 38.45 3.95 13.01
N HIS A 220 39.57 4.52 13.42
CA HIS A 220 40.01 5.81 12.92
C HIS A 220 41.12 5.65 11.88
N HIS A 221 40.94 6.28 10.71
CA HIS A 221 41.90 6.26 9.62
C HIS A 221 42.55 7.63 9.52
N PRO A 222 43.72 7.83 10.12
CA PRO A 222 44.40 9.15 10.06
C PRO A 222 44.94 9.46 8.67
N ASN A 223 45.39 10.72 8.50
CA ASN A 223 45.89 11.12 7.19
C ASN A 223 47.41 10.99 7.02
N ASN A 224 48.19 10.97 8.10
CA ASN A 224 49.63 10.84 7.94
C ASN A 224 50.19 10.00 9.08
N ALA A 225 51.44 9.55 8.93
CA ALA A 225 52.04 8.79 10.02
C ALA A 225 52.20 9.65 11.27
N ALA A 226 52.54 10.93 11.12
CA ALA A 226 52.77 11.75 12.31
C ALA A 226 51.51 11.89 13.16
N GLU A 227 50.34 11.87 12.53
CA GLU A 227 49.11 12.06 13.31
C GLU A 227 48.72 10.79 14.03
N GLN A 228 48.96 9.64 13.41
CA GLN A 228 48.70 8.35 14.06
C GLN A 228 49.44 8.25 15.38
N ILE A 229 50.74 8.61 15.39
CA ILE A 229 51.52 8.62 16.62
C ILE A 229 51.04 9.73 17.55
N LYS A 230 50.71 10.90 17.00
CA LYS A 230 50.22 11.98 17.84
C LYS A 230 49.05 11.53 18.70
N LEU A 231 48.14 10.73 18.13
CA LEU A 231 46.93 10.38 18.86
C LEU A 231 47.04 9.09 19.66
N TYR A 232 47.75 8.07 19.15
CA TYR A 232 47.69 6.74 19.75
C TYR A 232 49.06 6.15 20.05
N GLN A 233 50.12 6.95 20.02
CA GLN A 233 51.49 6.53 20.30
C GLN A 233 51.97 5.34 19.45
N ASN A 234 51.44 4.17 19.72
CA ASN A 234 51.90 2.98 19.05
C ASN A 234 51.78 3.17 17.54
N PRO A 235 52.85 3.03 16.79
CA PRO A 235 52.76 3.29 15.35
C PRO A 235 51.87 2.30 14.62
N SER A 236 51.70 1.08 15.14
CA SER A 236 51.01 0.06 14.40
C SER A 236 49.94 -0.54 15.30
N THR A 237 48.70 -0.42 14.87
CA THR A 237 47.56 -0.66 15.73
C THR A 237 46.63 -1.63 15.04
N TYR A 238 45.60 -2.03 15.77
CA TYR A 238 44.53 -2.87 15.23
C TYR A 238 43.32 -2.71 16.12
N VAL A 239 42.16 -3.06 15.57
CA VAL A 239 40.91 -3.16 16.30
C VAL A 239 40.29 -4.54 16.06
N SER A 240 40.32 -5.37 17.10
CA SER A 240 39.81 -6.74 17.05
C SER A 240 38.47 -6.84 17.75
N VAL A 241 37.50 -7.50 17.11
CA VAL A 241 36.19 -7.76 17.70
C VAL A 241 35.90 -9.26 17.65
N GLY A 242 35.53 -9.83 18.80
CA GLY A 242 35.02 -11.18 18.80
C GLY A 242 33.64 -11.43 19.41
N THR A 243 32.78 -12.12 18.67
CA THR A 243 31.62 -12.83 19.22
C THR A 243 31.71 -14.28 18.79
N SER A 244 30.67 -15.04 19.12
CA SER A 244 30.66 -16.40 18.67
C SER A 244 30.46 -16.48 17.16
N THR A 245 29.81 -15.46 16.58
CA THR A 245 29.58 -15.47 15.15
C THR A 245 30.59 -14.67 14.36
N LEU A 246 31.15 -13.61 14.94
CA LEU A 246 31.96 -12.67 14.18
C LEU A 246 33.38 -12.62 14.73
N ASN A 247 34.36 -12.74 13.83
CA ASN A 247 35.78 -12.58 14.13
C ASN A 247 36.35 -11.58 13.13
N GLN A 248 37.00 -10.53 13.63
CA GLN A 248 37.42 -9.44 12.76
C GLN A 248 38.57 -8.66 13.37
N ARG A 249 39.69 -8.59 12.64
CA ARG A 249 40.80 -7.69 12.93
C ARG A 249 40.63 -6.54 11.97
N SER A 250 40.69 -5.31 12.47
CA SER A 250 40.60 -4.11 11.65
C SER A 250 41.89 -3.31 11.75
N ILE A 251 42.31 -2.71 10.64
CA ILE A 251 43.63 -2.08 10.58
C ILE A 251 43.55 -0.68 10.00
N PRO A 252 44.26 0.30 10.57
CA PRO A 252 44.14 1.69 10.11
C PRO A 252 44.81 1.92 8.76
N GLU A 253 44.02 2.34 7.77
CA GLU A 253 44.47 2.61 6.39
C GLU A 253 44.78 4.09 6.24
N ILE A 254 46.07 4.43 6.22
CA ILE A 254 46.51 5.83 6.13
C ILE A 254 46.73 6.22 4.68
N ALA A 255 45.99 7.22 4.22
CA ALA A 255 46.08 7.70 2.85
C ALA A 255 45.97 9.21 2.87
N THR A 256 46.06 9.81 1.71
CA THR A 256 45.98 11.25 1.58
C THR A 256 44.72 11.56 0.79
N ARG A 257 43.75 12.17 1.46
CA ARG A 257 42.39 12.29 0.92
C ARG A 257 41.93 13.74 0.91
N PRO A 258 40.92 14.05 0.12
CA PRO A 258 40.35 15.40 0.14
C PRO A 258 39.70 15.72 1.49
N LYS A 259 39.34 16.98 1.62
CA LYS A 259 38.70 17.45 2.83
C LYS A 259 37.20 17.24 2.68
N VAL A 260 36.61 16.55 3.63
CA VAL A 260 35.16 16.45 3.70
C VAL A 260 34.76 17.05 5.03
N ASN A 261 33.72 17.90 5.00
CA ASN A 261 33.35 18.74 6.14
C ASN A 261 34.57 19.18 6.95
N GLY A 262 35.69 19.46 6.28
CA GLY A 262 36.86 20.01 6.92
C GLY A 262 38.05 19.07 7.05
N LEU A 263 37.83 17.77 7.17
CA LEU A 263 38.99 16.93 7.45
C LEU A 263 39.36 16.02 6.28
N SER A 264 40.57 15.50 6.39
CA SER A 264 41.12 14.53 5.46
C SER A 264 41.30 13.15 6.06
N SER A 265 41.33 13.05 7.39
CA SER A 265 41.17 11.77 8.05
C SER A 265 39.77 11.21 7.75
N ARG A 266 39.58 9.94 8.12
CA ARG A 266 38.30 9.26 7.92
C ARG A 266 38.00 8.38 9.11
N MET A 267 36.72 7.99 9.23
CA MET A 267 36.30 7.08 10.28
C MET A 267 35.31 6.06 9.74
N GLU A 268 35.63 4.80 9.93
CA GLU A 268 34.84 3.72 9.38
C GLU A 268 34.12 3.04 10.51
N PHE A 269 32.82 2.87 10.38
CA PHE A 269 32.05 2.21 11.43
C PHE A 269 31.60 0.80 11.02
N PHE A 270 31.46 -0.04 12.03
CA PHE A 270 30.95 -1.39 11.87
C PHE A 270 29.78 -1.61 12.79
N TRP A 271 29.13 -2.75 12.62
CA TRP A 271 28.00 -3.06 13.47
C TRP A 271 27.72 -4.54 13.39
N THR A 272 27.10 -5.03 14.46
CA THR A 272 26.74 -6.43 14.63
C THR A 272 25.60 -6.52 15.61
N ILE A 273 24.87 -7.62 15.51
CA ILE A 273 23.81 -7.96 16.44
C ILE A 273 24.36 -9.02 17.39
N LEU A 274 24.30 -8.73 18.67
CA LEU A 274 24.75 -9.65 19.70
C LEU A 274 23.54 -10.36 20.29
N ARG A 275 23.43 -11.68 20.06
CA ARG A 275 22.31 -12.48 20.52
C ARG A 275 22.37 -12.73 22.03
N PRO A 276 21.25 -13.08 22.65
CA PRO A 276 21.25 -13.21 24.10
C PRO A 276 22.12 -14.37 24.55
N ASN A 277 22.73 -14.19 25.72
CA ASN A 277 23.68 -15.10 26.33
C ASN A 277 24.96 -15.20 25.54
N ASP A 278 25.15 -14.34 24.55
CA ASP A 278 26.44 -14.23 23.93
C ASP A 278 27.16 -12.98 24.43
N SER A 279 28.46 -12.98 24.26
CA SER A 279 29.29 -11.90 24.70
C SER A 279 30.09 -11.42 23.49
N ILE A 280 30.64 -10.22 23.62
CA ILE A 280 31.50 -9.64 22.62
C ILE A 280 32.73 -9.12 23.33
N THR A 281 33.89 -9.24 22.70
CA THR A 281 35.04 -8.58 23.28
C THR A 281 35.80 -7.84 22.18
N PHE A 282 36.21 -6.63 22.51
CA PHE A 282 37.04 -5.76 21.69
C PHE A 282 38.43 -5.78 22.28
N GLU A 283 39.45 -5.74 21.41
CA GLU A 283 40.76 -5.34 21.90
C GLU A 283 41.45 -4.52 20.82
N SER A 284 42.23 -3.54 21.26
CA SER A 284 42.89 -2.60 20.37
C SER A 284 44.15 -2.05 21.03
N THR A 285 45.04 -1.58 20.17
CA THR A 285 46.22 -0.83 20.59
C THR A 285 46.12 0.61 20.15
N GLY A 286 45.01 0.98 19.52
CA GLY A 286 44.79 2.34 19.09
C GLY A 286 43.74 2.41 18.01
N ASN A 287 43.33 3.64 17.71
CA ASN A 287 42.37 3.94 16.65
C ASN A 287 40.98 3.44 16.95
N PHE A 288 40.73 2.99 18.17
CA PHE A 288 39.47 2.32 18.47
C PHE A 288 38.42 3.36 18.82
N ILE A 289 37.28 3.32 18.13
CA ILE A 289 36.12 4.16 18.46
C ILE A 289 35.12 3.23 19.15
N ALA A 290 35.06 3.31 20.48
CA ALA A 290 34.40 2.33 21.32
C ALA A 290 32.93 2.68 21.49
N PRO A 291 32.06 1.68 21.64
CA PRO A 291 30.65 1.99 21.89
C PRO A 291 30.46 2.35 23.35
N GLU A 292 29.56 3.29 23.61
CA GLU A 292 29.08 3.50 24.97
C GLU A 292 27.71 2.87 25.15
N TYR A 293 26.81 3.14 24.22
CA TYR A 293 25.45 2.67 24.28
C TYR A 293 25.20 1.64 23.18
N ALA A 294 24.37 0.66 23.51
CA ALA A 294 23.85 -0.35 22.60
C ALA A 294 22.35 -0.17 22.44
N TYR A 295 21.77 -0.86 21.46
CA TYR A 295 20.35 -0.68 21.17
C TYR A 295 19.60 -2.00 21.35
N LYS A 296 18.82 -2.09 22.43
CA LYS A 296 17.95 -3.25 22.60
C LYS A 296 16.88 -3.25 21.52
N ILE A 297 16.88 -4.27 20.67
CA ILE A 297 15.76 -4.48 19.75
C ILE A 297 14.59 -5.01 20.58
N VAL A 298 13.59 -4.20 20.87
CA VAL A 298 12.61 -4.69 21.84
C VAL A 298 11.30 -5.11 21.19
N LYS A 299 11.00 -4.53 20.02
CA LYS A 299 9.76 -4.83 19.29
C LYS A 299 10.12 -4.96 17.82
N LYS A 300 10.01 -6.17 17.28
CA LYS A 300 10.06 -6.43 15.85
C LYS A 300 8.63 -6.47 15.31
N GLY A 301 8.52 -6.37 13.99
CA GLY A 301 7.20 -6.33 13.34
C GLY A 301 7.25 -5.56 12.02
N ASP A 302 6.07 -5.16 11.57
CA ASP A 302 5.94 -4.49 10.28
C ASP A 302 6.38 -3.04 10.43
N SER A 303 7.26 -2.60 9.56
CA SER A 303 7.71 -1.22 9.59
C SER A 303 8.37 -0.91 8.26
N ALA A 304 9.03 0.24 8.17
CA ALA A 304 9.47 0.71 6.87
C ALA A 304 10.25 2.00 7.02
N ILE A 305 11.16 2.27 6.07
CA ILE A 305 11.88 3.54 6.03
C ILE A 305 11.41 4.26 4.79
N MET A 306 10.50 5.21 5.01
CA MET A 306 9.94 6.03 3.96
C MET A 306 10.82 7.22 3.70
N LYS A 307 11.14 7.49 2.44
CA LYS A 307 11.85 8.71 2.09
C LYS A 307 10.82 9.76 1.72
N SER A 308 10.82 10.87 2.45
CA SER A 308 9.86 11.92 2.22
C SER A 308 10.40 13.23 2.76
N GLU A 309 10.03 14.32 2.10
CA GLU A 309 10.42 15.63 2.56
C GLU A 309 9.43 16.21 3.55
N LEU A 310 8.23 15.64 3.66
CA LEU A 310 7.21 16.20 4.52
C LEU A 310 7.63 16.16 5.98
N SER A 311 6.81 16.79 6.83
CA SER A 311 6.96 16.69 8.27
C SER A 311 5.62 16.27 8.85
N TYR A 312 5.65 15.87 10.12
CA TYR A 312 4.49 15.36 10.83
C TYR A 312 3.41 16.42 11.01
N SER A 313 2.14 15.96 11.12
CA SER A 313 0.97 16.80 11.38
C SER A 313 0.02 16.06 12.33
N ASN A 314 -0.81 16.82 13.06
CA ASN A 314 -1.78 16.20 13.97
C ASN A 314 -2.84 15.48 13.15
N CYS A 315 -2.66 14.16 12.95
CA CYS A 315 -3.34 13.40 11.91
C CYS A 315 -3.01 11.92 12.01
N ASP A 316 -3.93 11.10 11.49
CA ASP A 316 -3.84 9.63 11.53
C ASP A 316 -4.45 9.02 10.25
N THR A 317 -3.94 7.86 9.86
CA THR A 317 -4.45 7.14 8.70
C THR A 317 -4.39 5.64 8.94
N LYS A 318 -4.91 4.91 7.96
CA LYS A 318 -4.61 3.50 7.81
C LYS A 318 -3.66 3.25 6.64
N CYS A 319 -3.34 4.28 5.86
CA CYS A 319 -2.45 4.11 4.72
C CYS A 319 -1.62 5.37 4.51
N GLN A 320 -0.30 5.22 4.55
CA GLN A 320 0.63 6.34 4.36
C GLN A 320 1.47 6.11 3.11
N THR A 321 1.62 7.15 2.31
CA THR A 321 2.55 7.13 1.18
C THR A 321 3.58 8.21 1.45
N PRO A 322 4.68 8.27 0.69
CA PRO A 322 5.66 9.33 0.92
C PRO A 322 5.14 10.73 0.63
N VAL A 323 4.11 10.89 -0.20
CA VAL A 323 3.58 12.20 -0.57
C VAL A 323 2.28 12.52 0.12
N GLY A 324 1.82 11.68 1.04
CA GLY A 324 0.60 11.94 1.75
C GLY A 324 -0.09 10.62 2.04
N ALA A 325 -1.35 10.75 2.43
CA ALA A 325 -2.08 9.70 3.11
C ALA A 325 -3.37 9.38 2.36
N ILE A 326 -3.96 8.21 2.60
CA ILE A 326 -4.99 7.69 1.70
C ILE A 326 -6.19 7.17 2.48
N ASN A 327 -7.39 7.58 2.03
CA ASN A 327 -8.68 7.10 2.51
C ASN A 327 -8.91 5.70 1.96
N SER A 328 -8.23 4.74 2.60
CA SER A 328 -8.18 3.32 2.21
C SER A 328 -9.51 2.60 1.95
N SER A 329 -10.59 3.33 1.62
CA SER A 329 -11.89 2.68 1.41
C SER A 329 -11.94 1.88 0.11
N MET A 330 -11.40 2.42 -0.98
CA MET A 330 -11.50 1.74 -2.27
C MET A 330 -10.41 0.70 -2.45
N PRO A 331 -10.59 -0.29 -3.34
CA PRO A 331 -9.64 -1.41 -3.38
C PRO A 331 -8.35 -1.11 -4.10
N PHE A 332 -8.35 -0.15 -5.00
CA PHE A 332 -7.18 0.19 -5.78
C PHE A 332 -6.84 1.67 -5.64
N HIS A 333 -5.59 1.98 -5.85
CA HIS A 333 -5.22 3.37 -5.86
C HIS A 333 -4.05 3.54 -6.81
N ASN A 334 -3.75 4.80 -7.11
CA ASN A 334 -2.66 5.07 -8.02
C ASN A 334 -1.80 6.22 -7.54
N VAL A 335 -1.87 6.53 -6.23
CA VAL A 335 -1.17 7.69 -5.67
C VAL A 335 0.33 7.49 -5.67
N HIS A 336 0.79 6.32 -5.22
CA HIS A 336 2.23 6.08 -5.08
C HIS A 336 2.46 4.59 -4.88
N PRO A 337 3.51 4.01 -5.44
CA PRO A 337 3.73 2.57 -5.25
C PRO A 337 4.21 2.19 -3.86
N PHE A 338 4.79 3.12 -3.10
CA PHE A 338 5.42 2.73 -1.85
C PHE A 338 4.56 3.17 -0.67
N ALA A 339 3.37 2.58 -0.61
CA ALA A 339 2.39 2.82 0.44
C ALA A 339 2.44 1.71 1.49
N ILE A 340 2.30 2.11 2.76
CA ILE A 340 2.38 1.19 3.89
C ILE A 340 1.17 1.36 4.80
N GLY A 341 0.81 0.26 5.47
CA GLY A 341 -0.38 0.23 6.30
C GLY A 341 -1.37 -0.80 5.78
N GLU A 342 -2.66 -0.49 5.97
CA GLU A 342 -3.74 -1.33 5.46
C GLU A 342 -4.21 -0.67 4.19
N CYS A 343 -3.58 -1.05 3.09
CA CYS A 343 -3.72 -0.17 1.95
C CYS A 343 -4.46 -0.84 0.81
N PRO A 344 -5.16 -0.05 0.00
CA PRO A 344 -5.65 -0.57 -1.28
C PRO A 344 -4.46 -0.91 -2.18
N LYS A 345 -4.73 -1.67 -3.23
CA LYS A 345 -3.64 -2.17 -4.05
C LYS A 345 -3.29 -1.20 -5.17
N TYR A 346 -1.99 -0.98 -5.35
CA TYR A 346 -1.54 0.02 -6.31
C TYR A 346 -1.58 -0.53 -7.74
N VAL A 347 -2.22 0.24 -8.63
CA VAL A 347 -2.25 -0.08 -10.06
C VAL A 347 -2.00 1.20 -10.87
N LYS A 348 -1.13 1.11 -11.89
CA LYS A 348 -0.76 2.24 -12.75
C LYS A 348 -1.85 2.46 -13.80
N LEU A 349 -2.90 3.17 -13.39
CA LEU A 349 -4.08 3.44 -14.20
C LEU A 349 -4.62 4.81 -13.85
N LYS A 350 -5.49 5.34 -14.71
CA LYS A 350 -6.07 6.64 -14.45
C LYS A 350 -7.52 6.56 -14.04
N LYS A 351 -8.25 5.51 -14.45
CA LYS A 351 -9.54 5.24 -13.83
C LYS A 351 -9.85 3.76 -13.91
N LEU A 352 -10.80 3.33 -13.08
CA LEU A 352 -11.16 1.92 -13.03
C LEU A 352 -12.58 1.81 -12.48
N VAL A 353 -13.54 1.59 -13.38
CA VAL A 353 -14.96 1.68 -13.04
C VAL A 353 -15.67 0.38 -13.33
N LEU A 354 -16.20 -0.25 -12.27
CA LEU A 354 -17.10 -1.38 -12.39
C LEU A 354 -18.44 -0.93 -12.95
N ALA A 355 -19.02 -1.79 -13.79
CA ALA A 355 -20.40 -1.61 -14.18
C ALA A 355 -21.25 -2.54 -13.34
N THR A 356 -22.33 -2.01 -12.79
CA THR A 356 -23.26 -2.79 -11.98
C THR A 356 -24.68 -2.87 -12.54
N GLY A 357 -25.14 -1.83 -13.25
CA GLY A 357 -26.49 -1.79 -13.79
C GLY A 357 -26.57 -1.77 -15.31
N LEU A 358 -27.76 -1.51 -15.84
CA LEU A 358 -28.02 -1.51 -17.28
C LEU A 358 -27.18 -0.44 -17.98
N ARG A 359 -27.19 -0.50 -19.31
CA ARG A 359 -26.89 0.71 -20.06
C ARG A 359 -28.00 1.71 -19.85
N ASN A 360 -27.72 2.97 -20.18
CA ASN A 360 -28.72 4.04 -20.13
C ASN A 360 -29.18 4.33 -21.56
N ILE A 361 -30.45 4.03 -21.83
CA ILE A 361 -31.14 4.18 -23.11
C ILE A 361 -30.44 5.01 -24.19
N GLY A 371 -36.52 9.41 -26.22
CA GLY A 371 -36.93 8.66 -25.05
C GLY A 371 -36.57 7.20 -25.24
N ALA A 372 -37.48 6.32 -24.81
CA ALA A 372 -37.26 4.88 -24.95
C ALA A 372 -38.57 4.11 -24.77
N ILE A 373 -39.47 4.30 -25.72
CA ILE A 373 -40.92 4.05 -25.51
C ILE A 373 -41.33 2.67 -26.01
N ALA A 374 -42.18 2.00 -25.23
CA ALA A 374 -43.04 0.89 -25.64
C ALA A 374 -42.31 -0.43 -25.84
N GLY A 375 -41.60 -0.91 -24.82
CA GLY A 375 -40.99 -2.22 -24.85
C GLY A 375 -39.48 -2.15 -24.98
N PHE A 376 -38.83 -3.31 -24.75
CA PHE A 376 -37.39 -3.34 -24.55
C PHE A 376 -36.61 -3.14 -25.86
N ILE A 377 -37.17 -3.52 -27.01
CA ILE A 377 -36.46 -3.34 -28.27
C ILE A 377 -35.99 -1.90 -28.45
N GLU A 378 -36.61 -0.95 -27.73
CA GLU A 378 -36.46 0.48 -27.99
C GLU A 378 -35.72 1.23 -26.90
N GLY A 379 -35.42 0.61 -25.76
CA GLY A 379 -34.77 1.30 -24.68
C GLY A 379 -35.46 1.04 -23.36
N GLY A 380 -35.00 1.74 -22.34
CA GLY A 380 -35.45 1.52 -20.99
C GLY A 380 -36.36 2.62 -20.49
N TRP A 381 -37.11 2.30 -19.47
CA TRP A 381 -38.22 3.12 -18.98
C TRP A 381 -37.77 3.92 -17.77
N GLN A 382 -37.63 5.24 -17.92
CA GLN A 382 -37.38 6.09 -16.77
C GLN A 382 -38.46 5.91 -15.71
N GLY A 383 -39.64 5.43 -16.10
CA GLY A 383 -40.79 5.32 -15.22
C GLY A 383 -40.78 4.12 -14.28
N MET A 384 -39.92 3.13 -14.54
CA MET A 384 -39.72 2.04 -13.59
C MET A 384 -38.69 2.48 -12.55
N VAL A 385 -38.97 2.19 -11.28
CA VAL A 385 -38.19 2.79 -10.19
C VAL A 385 -37.91 1.79 -9.07
N ASP A 386 -38.77 0.79 -8.87
CA ASP A 386 -38.60 -0.24 -7.84
C ASP A 386 -37.99 -1.54 -8.37
N GLY A 387 -37.09 -1.44 -9.34
CA GLY A 387 -36.45 -2.60 -9.93
C GLY A 387 -35.66 -2.19 -11.15
N TRP A 388 -35.08 -3.20 -11.81
CA TRP A 388 -34.33 -2.96 -13.04
C TRP A 388 -35.07 -3.48 -14.27
N TYR A 389 -35.65 -4.67 -14.19
CA TYR A 389 -36.51 -5.20 -15.24
C TYR A 389 -37.93 -5.32 -14.73
N GLY A 390 -38.88 -5.07 -15.62
CA GLY A 390 -40.28 -5.21 -15.23
C GLY A 390 -41.23 -5.11 -16.40
N TYR A 391 -42.48 -4.73 -16.11
CA TYR A 391 -43.54 -4.77 -17.10
C TYR A 391 -44.23 -3.42 -17.26
N HIS A 392 -45.31 -3.39 -18.04
CA HIS A 392 -46.19 -2.23 -18.20
C HIS A 392 -47.60 -2.74 -18.45
N HIS A 393 -48.57 -2.33 -17.63
CA HIS A 393 -49.94 -2.86 -17.65
C HIS A 393 -50.71 -2.61 -18.94
N SER A 394 -51.23 -1.39 -19.08
CA SER A 394 -52.16 -1.03 -20.15
C SER A 394 -53.36 -1.99 -20.14
N ASN A 395 -54.39 -1.65 -19.38
CA ASN A 395 -55.54 -2.51 -19.18
C ASN A 395 -56.81 -1.68 -19.34
N GLU A 396 -57.95 -2.36 -19.31
CA GLU A 396 -59.21 -1.66 -19.15
C GLU A 396 -59.19 -0.78 -17.91
N GLN A 397 -58.45 -1.16 -16.88
CA GLN A 397 -58.25 -0.34 -15.70
C GLN A 397 -56.81 0.14 -15.53
N GLY A 398 -55.83 -0.61 -16.04
CA GLY A 398 -54.46 -0.43 -15.65
C GLY A 398 -53.75 0.76 -16.29
N SER A 399 -52.68 1.17 -15.61
CA SER A 399 -51.72 2.16 -16.11
C SER A 399 -50.48 1.45 -16.64
N GLY A 400 -49.62 0.99 -15.74
CA GLY A 400 -48.42 0.28 -16.12
C GLY A 400 -47.33 0.35 -15.05
N TYR A 401 -46.15 -0.15 -15.44
CA TYR A 401 -44.89 0.05 -14.73
C TYR A 401 -44.79 -0.68 -13.40
N ALA A 402 -44.96 -2.00 -13.43
CA ALA A 402 -44.67 -2.86 -12.28
C ALA A 402 -43.42 -3.70 -12.57
N ALA A 403 -42.56 -3.85 -11.57
CA ALA A 403 -41.26 -4.48 -11.73
C ALA A 403 -41.29 -5.94 -11.33
N ASP A 404 -40.53 -6.77 -12.07
CA ASP A 404 -40.36 -8.19 -11.78
C ASP A 404 -39.10 -8.36 -10.94
N LYS A 405 -39.22 -8.16 -9.62
CA LYS A 405 -38.06 -8.31 -8.75
C LYS A 405 -37.81 -9.78 -8.37
N GLU A 406 -38.55 -10.73 -8.97
CA GLU A 406 -38.14 -12.13 -8.94
C GLU A 406 -36.85 -12.34 -9.73
N SER A 407 -36.61 -11.51 -10.74
CA SER A 407 -35.35 -11.50 -11.47
C SER A 407 -34.54 -10.23 -11.29
N THR A 408 -35.08 -9.20 -10.62
CA THR A 408 -34.31 -8.00 -10.28
C THR A 408 -33.54 -8.16 -8.98
N GLN A 409 -34.14 -8.78 -7.97
CA GLN A 409 -33.34 -9.14 -6.81
C GLN A 409 -32.32 -10.20 -7.17
N LYS A 410 -32.73 -11.20 -7.96
CA LYS A 410 -31.81 -12.26 -8.40
C LYS A 410 -30.65 -11.70 -9.25
N ALA A 411 -30.78 -10.48 -9.77
CA ALA A 411 -29.69 -9.83 -10.48
C ALA A 411 -28.88 -8.89 -9.59
N VAL A 412 -29.53 -8.12 -8.70
CA VAL A 412 -28.75 -7.38 -7.72
C VAL A 412 -28.06 -8.34 -6.77
N ASP A 413 -28.48 -9.61 -6.75
CA ASP A 413 -27.87 -10.70 -6.01
C ASP A 413 -26.48 -11.04 -6.52
N GLY A 414 -26.40 -11.56 -7.74
CA GLY A 414 -25.13 -11.98 -8.30
C GLY A 414 -24.21 -10.84 -8.70
N ILE A 415 -24.73 -9.61 -8.75
CA ILE A 415 -23.91 -8.46 -9.15
C ILE A 415 -23.07 -7.97 -7.99
N THR A 416 -23.70 -7.67 -6.85
CA THR A 416 -22.91 -7.24 -5.71
C THR A 416 -22.15 -8.41 -5.06
N ASN A 417 -22.47 -9.67 -5.43
CA ASN A 417 -21.68 -10.85 -5.07
C ASN A 417 -20.48 -11.02 -5.99
N LYS A 418 -20.68 -10.80 -7.29
CA LYS A 418 -19.54 -10.69 -8.22
C LYS A 418 -18.66 -9.50 -7.87
N VAL A 419 -19.24 -8.43 -7.29
CA VAL A 419 -18.52 -7.18 -7.12
C VAL A 419 -17.34 -7.33 -6.17
N ASN A 420 -17.58 -7.74 -4.92
CA ASN A 420 -16.39 -7.84 -4.09
C ASN A 420 -15.75 -9.23 -4.10
N SER A 421 -16.27 -10.17 -4.88
CA SER A 421 -15.50 -11.39 -5.15
C SER A 421 -14.30 -11.07 -6.04
N ILE A 422 -14.43 -10.07 -6.91
CA ILE A 422 -13.27 -9.61 -7.64
C ILE A 422 -12.33 -8.80 -6.74
N ILE A 423 -12.88 -7.94 -5.86
CA ILE A 423 -12.03 -7.20 -4.92
C ILE A 423 -11.21 -8.16 -4.07
N SER A 424 -11.84 -9.24 -3.63
CA SER A 424 -11.15 -10.22 -2.80
C SER A 424 -10.21 -11.11 -3.59
N LYS A 425 -10.40 -11.23 -4.91
CA LYS A 425 -9.48 -12.08 -5.66
C LYS A 425 -8.12 -11.40 -5.90
N MET A 426 -7.99 -10.12 -5.56
CA MET A 426 -6.70 -9.44 -5.55
C MET A 426 -6.17 -9.21 -4.14
N ASN A 427 -6.71 -9.89 -3.13
CA ASN A 427 -6.20 -9.69 -1.77
C ASN A 427 -4.73 -10.10 -1.67
N SER A 428 -4.29 -11.00 -2.56
CA SER A 428 -2.93 -11.54 -2.60
C SER A 428 -2.00 -10.70 -3.48
N GLN A 429 -2.47 -9.57 -3.98
CA GLN A 429 -1.70 -8.75 -4.91
C GLN A 429 -0.36 -8.32 -4.33
N PHE A 430 0.58 -8.02 -5.24
CA PHE A 430 1.93 -7.59 -4.88
C PHE A 430 1.91 -6.21 -4.23
N GLU A 431 2.45 -6.13 -3.01
CA GLU A 431 2.71 -4.85 -2.35
C GLU A 431 4.21 -4.62 -2.30
N ALA A 432 4.67 -3.49 -2.85
CA ALA A 432 6.09 -3.19 -2.95
C ALA A 432 6.69 -2.86 -1.58
N VAL A 433 8.02 -2.93 -1.51
CA VAL A 433 8.74 -2.79 -0.24
C VAL A 433 10.01 -1.97 -0.46
N GLY A 434 10.28 -1.05 0.47
CA GLY A 434 11.45 -0.20 0.32
C GLY A 434 12.74 -0.95 0.57
N LYS A 435 13.72 -0.70 -0.30
CA LYS A 435 15.09 -1.16 -0.14
C LYS A 435 16.04 -0.15 -0.77
N GLU A 436 17.29 -0.16 -0.29
CA GLU A 436 18.33 0.77 -0.73
C GLU A 436 19.59 -0.02 -1.09
N PHE A 437 20.39 0.54 -2.00
CA PHE A 437 21.61 -0.15 -2.43
C PHE A 437 22.72 0.84 -2.69
N ASN A 438 23.95 0.41 -2.41
CA ASN A 438 25.06 1.34 -2.50
C ASN A 438 25.56 1.43 -3.95
N ASN A 439 26.57 2.28 -4.17
CA ASN A 439 26.96 2.60 -5.55
C ASN A 439 27.58 1.40 -6.27
N LEU A 440 28.05 0.41 -5.53
CA LEU A 440 28.60 -0.81 -6.10
C LEU A 440 27.59 -1.95 -6.14
N GLU A 441 26.33 -1.65 -5.86
CA GLU A 441 25.27 -2.65 -5.92
C GLU A 441 24.27 -2.28 -7.00
N ARG A 442 24.73 -1.67 -8.09
CA ARG A 442 23.76 -1.22 -9.10
C ARG A 442 22.98 -2.39 -9.67
N ARG A 443 23.68 -3.46 -10.06
CA ARG A 443 23.00 -4.57 -10.72
C ARG A 443 21.79 -5.06 -9.92
N ILE A 444 21.94 -5.31 -8.62
CA ILE A 444 20.75 -5.87 -7.96
C ILE A 444 19.78 -4.77 -7.58
N GLU A 445 20.24 -3.54 -7.35
CA GLU A 445 19.27 -2.44 -7.30
C GLU A 445 18.34 -2.47 -8.50
N ASN A 446 18.88 -2.68 -9.70
CA ASN A 446 18.03 -2.71 -10.88
C ASN A 446 17.23 -4.01 -10.98
N LEU A 447 17.85 -5.13 -10.58
CA LEU A 447 17.07 -6.34 -10.40
C LEU A 447 15.86 -6.07 -9.51
N ASN A 448 16.07 -5.50 -8.32
CA ASN A 448 14.94 -5.14 -7.46
C ASN A 448 13.95 -4.20 -8.18
N LYS A 449 14.43 -3.18 -8.90
CA LYS A 449 13.48 -2.29 -9.58
C LYS A 449 12.68 -3.05 -10.60
N LYS A 450 13.37 -3.75 -11.52
CA LYS A 450 12.65 -4.57 -12.51
C LYS A 450 11.64 -5.47 -11.85
N MET A 451 11.96 -6.00 -10.69
CA MET A 451 11.04 -6.93 -10.09
C MET A 451 9.77 -6.22 -9.62
N GLU A 452 9.93 -5.04 -9.04
CA GLU A 452 8.77 -4.39 -8.44
C GLU A 452 7.89 -3.76 -9.51
N ASP A 453 8.51 -3.08 -10.50
CA ASP A 453 7.75 -2.64 -11.67
C ASP A 453 7.17 -3.83 -12.42
N GLY A 454 7.92 -4.92 -12.49
CA GLY A 454 7.42 -6.10 -13.17
C GLY A 454 6.10 -6.58 -12.64
N PHE A 455 6.00 -6.74 -11.32
CA PHE A 455 4.73 -7.19 -10.75
C PHE A 455 3.66 -6.12 -10.85
N ILE A 456 4.03 -4.84 -10.72
CA ILE A 456 3.01 -3.80 -10.77
C ILE A 456 2.37 -3.74 -12.14
N ASP A 457 3.16 -3.94 -13.20
CA ASP A 457 2.58 -3.99 -14.54
C ASP A 457 1.66 -5.18 -14.66
N VAL A 458 2.10 -6.33 -14.17
CA VAL A 458 1.26 -7.53 -14.22
C VAL A 458 -0.06 -7.27 -13.50
N TRP A 459 0.04 -6.91 -12.21
CA TRP A 459 -1.20 -6.73 -11.46
C TRP A 459 -2.05 -5.60 -12.06
N THR A 460 -1.45 -4.63 -12.75
CA THR A 460 -2.28 -3.60 -13.35
C THR A 460 -3.05 -4.19 -14.51
N TYR A 461 -2.36 -4.95 -15.36
CA TYR A 461 -3.02 -5.68 -16.43
C TYR A 461 -4.16 -6.54 -15.88
N ASN A 462 -3.86 -7.36 -14.88
CA ASN A 462 -4.91 -8.13 -14.22
C ASN A 462 -6.08 -7.25 -13.80
N ALA A 463 -5.81 -6.18 -13.04
CA ALA A 463 -6.92 -5.36 -12.56
C ALA A 463 -7.79 -4.87 -13.71
N GLU A 464 -7.18 -4.28 -14.74
CA GLU A 464 -7.97 -3.75 -15.84
C GLU A 464 -8.75 -4.85 -16.56
N LEU A 465 -8.08 -5.94 -16.93
CA LEU A 465 -8.75 -7.00 -17.68
C LEU A 465 -9.92 -7.57 -16.90
N LEU A 466 -9.79 -7.60 -15.59
CA LEU A 466 -10.90 -8.04 -14.77
C LEU A 466 -12.10 -7.12 -14.94
N VAL A 467 -11.87 -5.81 -14.87
CA VAL A 467 -12.99 -4.89 -14.92
C VAL A 467 -13.62 -4.92 -16.30
N LEU A 468 -12.78 -4.79 -17.34
CA LEU A 468 -13.29 -4.77 -18.70
C LEU A 468 -14.08 -6.02 -19.01
N MET A 469 -13.59 -7.15 -18.55
CA MET A 469 -14.24 -8.38 -18.95
C MET A 469 -15.51 -8.59 -18.17
N GLU A 470 -15.47 -8.36 -16.86
CA GLU A 470 -16.70 -8.57 -16.13
C GLU A 470 -17.68 -7.41 -16.32
N ASN A 471 -17.21 -6.23 -16.71
CA ASN A 471 -18.12 -5.23 -17.24
C ASN A 471 -18.91 -5.81 -18.44
N GLU A 472 -18.19 -6.30 -19.46
CA GLU A 472 -18.88 -6.82 -20.64
C GLU A 472 -19.81 -7.97 -20.28
N ARG A 473 -19.46 -8.78 -19.29
CA ARG A 473 -20.38 -9.82 -18.89
C ARG A 473 -21.51 -9.30 -18.01
N THR A 474 -21.30 -8.16 -17.35
CA THR A 474 -22.38 -7.57 -16.55
C THR A 474 -23.48 -7.01 -17.43
N LEU A 475 -23.10 -6.22 -18.42
CA LEU A 475 -24.08 -5.73 -19.38
C LEU A 475 -24.71 -6.89 -20.17
N ASP A 476 -23.90 -7.84 -20.63
CA ASP A 476 -24.44 -9.00 -21.36
C ASP A 476 -25.42 -9.78 -20.52
N LEU A 477 -25.32 -9.66 -19.19
CA LEU A 477 -26.28 -10.30 -18.31
C LEU A 477 -27.63 -9.59 -18.36
N HIS A 478 -27.60 -8.28 -18.13
CA HIS A 478 -28.82 -7.47 -18.15
C HIS A 478 -29.66 -7.77 -19.36
N ASP A 479 -29.04 -7.76 -20.53
CA ASP A 479 -29.79 -7.96 -21.77
C ASP A 479 -30.48 -9.30 -21.76
N SER A 480 -29.74 -10.35 -21.42
CA SER A 480 -30.34 -11.67 -21.35
C SER A 480 -31.40 -11.74 -20.26
N ASN A 481 -31.31 -10.89 -19.23
CA ASN A 481 -32.34 -10.89 -18.21
C ASN A 481 -33.64 -10.28 -18.73
N VAL A 482 -33.57 -9.08 -19.29
CA VAL A 482 -34.70 -8.53 -20.03
C VAL A 482 -35.24 -9.54 -21.04
N LYS A 483 -34.34 -10.09 -21.86
CA LYS A 483 -34.75 -11.01 -22.92
C LYS A 483 -35.40 -12.30 -22.40
N ASN A 484 -35.22 -12.63 -21.11
CA ASN A 484 -35.87 -13.83 -20.60
C ASN A 484 -37.16 -13.50 -19.88
N LEU A 485 -37.24 -12.30 -19.31
CA LEU A 485 -38.51 -11.77 -18.87
C LEU A 485 -39.57 -11.93 -19.96
N TYR A 486 -39.28 -11.36 -21.15
CA TYR A 486 -40.14 -11.52 -22.32
C TYR A 486 -40.58 -12.95 -22.47
N ASP A 487 -39.61 -13.87 -22.52
CA ASP A 487 -39.94 -15.27 -22.83
C ASP A 487 -40.82 -15.89 -21.76
N LYS A 488 -40.49 -15.68 -20.47
CA LYS A 488 -41.36 -16.18 -19.41
C LYS A 488 -42.80 -15.76 -19.65
N VAL A 489 -43.01 -14.55 -20.19
CA VAL A 489 -44.36 -14.12 -20.55
C VAL A 489 -44.84 -14.83 -21.81
N ARG A 490 -43.99 -14.90 -22.83
CA ARG A 490 -44.38 -15.49 -24.10
C ARG A 490 -44.81 -16.94 -23.95
N ARG A 491 -44.09 -17.72 -23.13
CA ARG A 491 -44.49 -19.11 -22.97
C ARG A 491 -45.65 -19.31 -22.01
N GLN A 492 -46.17 -18.22 -21.41
CA GLN A 492 -47.42 -18.30 -20.68
C GLN A 492 -48.56 -17.95 -21.61
N LEU A 493 -48.71 -16.67 -21.91
CA LEU A 493 -49.62 -16.21 -22.95
C LEU A 493 -49.18 -16.79 -24.28
N ARG A 494 -49.76 -17.89 -24.71
CA ARG A 494 -49.38 -18.40 -26.01
C ARG A 494 -50.34 -17.92 -27.08
N ASP A 495 -51.31 -18.76 -27.43
CA ASP A 495 -52.29 -18.42 -28.46
C ASP A 495 -53.00 -17.11 -28.14
N ASN A 496 -53.27 -16.85 -26.87
CA ASN A 496 -54.12 -15.75 -26.43
C ASN A 496 -53.51 -14.37 -26.61
N ALA A 497 -52.40 -14.19 -27.34
CA ALA A 497 -51.84 -12.86 -27.50
C ALA A 497 -51.01 -12.83 -28.77
N LYS A 498 -50.83 -11.63 -29.33
CA LYS A 498 -50.07 -11.42 -30.54
C LYS A 498 -48.76 -10.70 -30.21
N GLU A 499 -47.63 -11.33 -30.56
CA GLU A 499 -46.32 -10.70 -30.37
C GLU A 499 -46.22 -9.47 -31.26
N LEU A 500 -46.02 -8.30 -30.65
CA LEU A 500 -46.08 -7.08 -31.44
C LEU A 500 -44.74 -6.66 -32.03
N GLY A 501 -43.67 -7.41 -31.76
CA GLY A 501 -42.38 -7.18 -32.39
C GLY A 501 -41.55 -6.06 -31.81
N ASN A 502 -42.07 -5.30 -30.85
CA ASN A 502 -41.32 -4.25 -30.19
C ASN A 502 -40.95 -4.63 -28.76
N GLY A 503 -41.40 -5.80 -28.30
CA GLY A 503 -41.29 -6.17 -26.91
C GLY A 503 -42.60 -6.23 -26.16
N CYS A 504 -43.74 -6.01 -26.81
CA CYS A 504 -45.05 -6.07 -26.16
C CYS A 504 -45.92 -7.18 -26.76
N PHE A 505 -46.94 -7.56 -26.01
CA PHE A 505 -47.98 -8.50 -26.47
C PHE A 505 -49.34 -7.82 -26.45
N GLU A 506 -50.22 -8.18 -27.39
CA GLU A 506 -51.60 -7.71 -27.39
C GLU A 506 -52.54 -8.90 -27.19
N PHE A 507 -53.49 -8.76 -26.27
CA PHE A 507 -54.29 -9.89 -25.80
C PHE A 507 -55.46 -10.20 -26.74
N TYR A 508 -55.56 -11.47 -27.14
CA TYR A 508 -56.73 -12.03 -27.82
C TYR A 508 -57.88 -12.34 -26.87
N HIS A 509 -57.84 -11.81 -25.65
CA HIS A 509 -58.88 -12.07 -24.65
C HIS A 509 -59.00 -10.84 -23.75
N ARG A 510 -59.85 -10.96 -22.73
CA ARG A 510 -59.98 -9.96 -21.69
C ARG A 510 -59.06 -10.28 -20.52
N CYS A 511 -58.33 -9.28 -20.05
CA CYS A 511 -57.26 -9.55 -19.09
C CYS A 511 -57.66 -9.37 -17.64
N ASP A 512 -57.96 -8.14 -17.22
CA ASP A 512 -58.23 -7.75 -15.83
C ASP A 512 -56.91 -7.65 -15.06
N ASN A 513 -56.91 -6.89 -13.95
CA ASN A 513 -55.70 -6.75 -13.15
C ASN A 513 -55.39 -8.04 -12.39
N LYS A 514 -56.43 -8.73 -11.90
CA LYS A 514 -56.27 -10.06 -11.28
C LYS A 514 -55.34 -10.96 -12.08
N CYS A 515 -55.47 -10.97 -13.41
CA CYS A 515 -54.74 -11.90 -14.26
C CYS A 515 -53.41 -11.33 -14.73
N MET A 516 -53.22 -10.01 -14.66
CA MET A 516 -51.93 -9.49 -15.04
C MET A 516 -50.89 -9.69 -13.95
N GLU A 517 -51.31 -10.09 -12.77
CA GLU A 517 -50.42 -10.81 -11.88
C GLU A 517 -50.32 -12.28 -12.22
N SER A 518 -51.26 -12.82 -12.99
CA SER A 518 -51.08 -14.20 -13.44
C SER A 518 -49.82 -14.32 -14.30
N VAL A 519 -49.47 -13.29 -15.06
CA VAL A 519 -48.32 -13.45 -15.94
C VAL A 519 -47.03 -13.06 -15.24
N ARG A 520 -47.08 -12.04 -14.36
CA ARG A 520 -45.90 -11.71 -13.56
C ARG A 520 -45.44 -12.88 -12.70
N ASN A 521 -46.38 -13.58 -12.06
CA ASN A 521 -46.08 -14.59 -11.06
C ASN A 521 -45.84 -15.98 -11.68
N GLY A 522 -45.60 -16.07 -12.99
CA GLY A 522 -45.53 -17.37 -13.62
C GLY A 522 -46.83 -18.16 -13.42
N THR A 523 -47.93 -17.43 -13.21
CA THR A 523 -49.21 -17.99 -12.80
C THR A 523 -50.17 -18.25 -13.96
N TYR A 524 -50.15 -17.39 -14.98
CA TYR A 524 -51.19 -17.38 -16.01
C TYR A 524 -51.37 -18.74 -16.65
N ASP A 525 -52.61 -19.20 -16.70
CA ASP A 525 -52.93 -20.49 -17.29
C ASP A 525 -53.96 -20.31 -18.41
N TYR A 526 -53.46 -20.45 -19.63
CA TYR A 526 -54.12 -20.62 -20.93
C TYR A 526 -55.56 -21.11 -20.87
N PRO A 527 -55.87 -22.28 -20.27
CA PRO A 527 -57.25 -22.81 -20.41
C PRO A 527 -58.34 -21.87 -19.95
N GLN A 528 -58.17 -21.23 -18.81
CA GLN A 528 -59.24 -20.39 -18.24
C GLN A 528 -59.52 -19.15 -19.07
N TYR A 529 -58.65 -18.80 -20.02
CA TYR A 529 -58.95 -17.77 -21.02
C TYR A 529 -58.85 -18.31 -22.42
N SER A 530 -58.72 -19.64 -22.58
CA SER A 530 -58.43 -20.24 -23.88
C SER A 530 -59.60 -20.09 -24.85
N GLU A 531 -60.81 -20.35 -24.37
CA GLU A 531 -61.98 -20.28 -25.23
C GLU A 531 -62.28 -18.84 -25.68
N GLU A 532 -62.16 -17.88 -24.76
CA GLU A 532 -62.44 -16.49 -25.15
C GLU A 532 -61.48 -16.00 -26.22
N SER A 533 -60.26 -16.52 -26.23
CA SER A 533 -59.30 -16.12 -27.25
C SER A 533 -59.54 -16.83 -28.58
N ARG A 534 -59.80 -18.15 -28.54
CA ARG A 534 -60.05 -18.92 -29.76
C ARG A 534 -61.19 -18.26 -30.52
N LEU A 535 -62.10 -17.63 -29.77
CA LEU A 535 -63.16 -16.83 -30.37
C LEU A 535 -62.61 -15.70 -31.23
N LYS A 536 -61.95 -14.73 -30.58
CA LYS A 536 -61.69 -13.47 -31.26
C LYS A 536 -60.66 -13.60 -32.36
N ARG A 537 -59.63 -14.44 -32.22
CA ARG A 537 -58.64 -14.53 -33.28
C ARG A 537 -59.29 -15.02 -34.59
N GLU A 538 -60.33 -15.86 -34.47
CA GLU A 538 -61.14 -16.23 -35.64
C GLU A 538 -61.80 -15.02 -36.27
N GLU A 539 -62.11 -14.00 -35.46
CA GLU A 539 -62.81 -12.81 -35.91
C GLU A 539 -61.89 -11.76 -36.51
N ILE A 540 -60.60 -11.75 -36.16
CA ILE A 540 -59.65 -10.92 -36.90
C ILE A 540 -59.36 -11.55 -38.26
N ASP A 541 -59.08 -12.86 -38.24
CA ASP A 541 -59.10 -13.68 -39.45
C ASP A 541 -60.26 -13.31 -40.38
N SER A 542 -61.45 -13.04 -39.83
CA SER A 542 -62.61 -12.67 -40.63
C SER A 542 -63.13 -11.27 -40.31
N GLY A 543 -62.26 -10.35 -39.87
CA GLY A 543 -62.69 -9.01 -39.55
C GLY A 543 -62.87 -8.13 -40.76
N LEU A 544 -62.53 -6.85 -40.65
CA LEU A 544 -62.53 -5.97 -41.81
C LEU A 544 -61.45 -6.43 -42.80
C1 SIA B . 39.47 21.01 18.32
C2 SIA B . 41.03 20.70 18.37
C3 SIA B . 41.44 19.98 19.67
C4 SIA B . 40.80 18.59 19.78
C5 SIA B . 41.17 17.80 18.54
C6 SIA B . 40.62 18.52 17.29
C7 SIA B . 40.91 17.65 16.04
C8 SIA B . 40.60 18.29 14.67
C9 SIA B . 41.01 17.29 13.58
C10 SIA B . 41.41 15.36 18.54
C11 SIA B . 40.62 14.09 18.74
N5 SIA B . 40.65 16.45 18.66
O1A SIA B . 38.97 21.25 19.46
O1B SIA B . 38.91 20.98 17.20
O2 SIA B . 41.78 21.88 18.21
O4 SIA B . 41.18 17.79 20.92
O6 SIA B . 41.30 19.78 17.25
O7 SIA B . 42.24 17.18 16.14
O8 SIA B . 39.22 18.66 14.57
O9 SIA B . 40.49 15.98 13.82
O10 SIA B . 42.59 15.37 18.29
#